data_7Y10
#
_entry.id   7Y10
#
_cell.length_a   99.693
_cell.length_b   114.551
_cell.length_c   111.836
_cell.angle_alpha   90.000
_cell.angle_beta   90.000
_cell.angle_gamma   90.000
#
_symmetry.space_group_name_H-M   'C 2 2 21'
#
loop_
_entity.id
_entity.type
_entity.pdbx_description
1 polymer 'Phosphatidylinositol/phosphatidylcholine transfer protein SFH5'
2 non-polymer 1,2-DIPALMITOYL-SN-GLYCERO-3-PHOSPHATE
3 non-polymer 'NICKEL (II) ION'
4 water water
#
_entity_poly.entity_id   1
_entity_poly.type   'polypeptide(L)'
_entity_poly.pdbx_seq_one_letter_code
;MSLTIEDIHDVEELRAVDEFRNLLVSENLLPPTLDDYHIMLRFLKARKFDIGKTKLMWSNMIKWRKDFGTDTIFEDFEFE
EFDEVLKYYPHGYHGVDKEGRPVYIERLGLVDPAKLMQVTTVERFIRYHVREFEKTVNIKLPACCIAAKRHIDSSTTILD
VQGVGFKNFSKPARDLIIQLQKIDNDNYPETLHRMFIINGGSGFKLVWATVKQFLDPKTVTKIHVIGNKYQNKLLEIIDA
SQLPDFLGGTCTCADRGGCMRSDKGPWNDPEILKMLQSGGPLCRHNSALNSLEHHHHHH
;
_entity_poly.pdbx_strand_id   A,B
#
# COMPACT_ATOMS: atom_id res chain seq x y z
N LEU A 3 -19.04 16.26 -36.01
CA LEU A 3 -17.97 15.22 -36.17
C LEU A 3 -18.29 14.03 -35.29
N THR A 4 -18.42 12.85 -35.87
CA THR A 4 -18.80 11.59 -35.16
C THR A 4 -17.53 10.93 -34.62
N ILE A 5 -17.53 10.69 -33.31
CA ILE A 5 -16.43 10.03 -32.56
C ILE A 5 -16.99 8.66 -32.18
N GLU A 6 -16.27 7.58 -32.50
CA GLU A 6 -16.61 6.21 -32.05
C GLU A 6 -16.56 6.20 -30.50
N ASP A 7 -17.71 5.95 -29.91
CA ASP A 7 -17.99 6.04 -28.45
C ASP A 7 -19.12 5.06 -28.20
N ILE A 8 -18.75 3.79 -28.12
CA ILE A 8 -19.68 2.66 -27.86
C ILE A 8 -20.09 2.70 -26.40
N HIS A 9 -21.40 2.80 -26.13
CA HIS A 9 -21.96 2.74 -24.76
C HIS A 9 -22.64 1.40 -24.58
N ASP A 10 -22.23 0.71 -23.53
CA ASP A 10 -22.85 -0.52 -23.04
C ASP A 10 -24.18 -0.14 -22.37
N VAL A 11 -25.25 -0.85 -22.69
CA VAL A 11 -26.62 -0.56 -22.14
C VAL A 11 -26.60 -0.71 -20.61
N GLU A 12 -25.91 -1.74 -20.12
CA GLU A 12 -25.81 -2.06 -18.67
C GLU A 12 -25.10 -0.88 -17.99
N GLU A 13 -24.07 -0.35 -18.61
CA GLU A 13 -23.32 0.83 -18.09
C GLU A 13 -24.20 2.07 -18.20
N LEU A 14 -24.90 2.25 -19.31
CA LEU A 14 -25.83 3.40 -19.47
C LEU A 14 -26.79 3.42 -18.29
N ARG A 15 -27.40 2.28 -17.93
CA ARG A 15 -28.34 2.20 -16.77
C ARG A 15 -27.61 2.59 -15.48
N ALA A 16 -26.45 1.95 -15.23
CA ALA A 16 -25.69 2.11 -13.98
C ALA A 16 -25.27 3.57 -13.83
N VAL A 17 -24.80 4.23 -14.89
CA VAL A 17 -24.20 5.58 -14.79
C VAL A 17 -25.34 6.56 -14.49
N ASP A 18 -26.50 6.39 -15.15
CA ASP A 18 -27.66 7.31 -14.99
C ASP A 18 -28.28 7.10 -13.61
N GLU A 19 -28.30 5.86 -13.10
CA GLU A 19 -28.75 5.61 -11.71
C GLU A 19 -27.81 6.36 -10.77
N PHE A 20 -26.51 6.36 -11.05
CA PHE A 20 -25.53 6.93 -10.12
C PHE A 20 -25.69 8.44 -10.18
N ARG A 21 -25.95 8.98 -11.37
CA ARG A 21 -26.06 10.43 -11.60
C ARG A 21 -27.29 11.00 -10.88
N ASN A 22 -28.41 10.26 -10.90
CA ASN A 22 -29.66 10.61 -10.21
C ASN A 22 -29.45 10.65 -8.69
N LEU A 23 -28.65 9.73 -8.15
CA LEU A 23 -28.28 9.72 -6.71
C LEU A 23 -27.45 10.96 -6.38
N LEU A 24 -26.49 11.32 -7.24
CA LEU A 24 -25.62 12.49 -7.03
C LEU A 24 -26.44 13.77 -7.07
N VAL A 25 -27.38 13.87 -8.01
CA VAL A 25 -28.25 15.06 -8.22
C VAL A 25 -29.15 15.20 -6.99
N SER A 26 -29.73 14.10 -6.51
CA SER A 26 -30.72 14.08 -5.42
C SER A 26 -30.07 14.48 -4.10
N GLU A 27 -28.72 14.42 -4.00
CA GLU A 27 -27.98 14.77 -2.76
C GLU A 27 -27.07 15.98 -3.02
N ASN A 28 -27.28 16.71 -4.11
CA ASN A 28 -26.52 17.93 -4.49
C ASN A 28 -25.02 17.64 -4.49
N LEU A 29 -24.60 16.49 -5.02
CA LEU A 29 -23.18 16.10 -5.09
C LEU A 29 -22.65 16.25 -6.51
N LEU A 30 -23.42 16.81 -7.44
CA LEU A 30 -22.97 16.85 -8.86
C LEU A 30 -22.79 18.28 -9.33
N PRO A 31 -21.56 18.83 -9.32
CA PRO A 31 -21.25 20.10 -9.96
C PRO A 31 -21.37 19.90 -11.46
N PRO A 32 -21.92 20.87 -12.22
CA PRO A 32 -22.12 20.69 -13.65
C PRO A 32 -20.79 20.54 -14.41
N THR A 33 -19.70 21.00 -13.81
CA THR A 33 -18.33 20.86 -14.37
C THR A 33 -17.89 19.38 -14.36
N LEU A 34 -18.49 18.52 -13.53
CA LEU A 34 -18.19 17.06 -13.45
C LEU A 34 -19.35 16.22 -13.98
N ASP A 35 -20.38 16.85 -14.55
CA ASP A 35 -21.57 16.14 -15.09
C ASP A 35 -21.22 15.64 -16.48
N ASP A 36 -20.40 14.59 -16.53
CA ASP A 36 -20.01 13.90 -17.78
C ASP A 36 -20.13 12.39 -17.54
N TYR A 37 -20.89 11.71 -18.40
CA TYR A 37 -21.06 10.24 -18.42
C TYR A 37 -19.73 9.53 -18.11
N HIS A 38 -18.66 9.99 -18.77
CA HIS A 38 -17.35 9.31 -18.85
C HIS A 38 -16.57 9.54 -17.55
N ILE A 39 -16.70 10.71 -16.90
CA ILE A 39 -16.06 10.94 -15.58
C ILE A 39 -16.73 9.99 -14.56
N MET A 40 -18.06 9.98 -14.54
CA MET A 40 -18.85 9.16 -13.58
C MET A 40 -18.58 7.67 -13.84
N LEU A 41 -18.38 7.26 -15.09
CA LEU A 41 -18.15 5.84 -15.45
C LEU A 41 -16.80 5.41 -14.85
N ARG A 42 -15.81 6.29 -14.92
CA ARG A 42 -14.46 5.97 -14.39
C ARG A 42 -14.53 5.72 -12.87
N PHE A 43 -15.30 6.52 -12.12
CA PHE A 43 -15.49 6.33 -10.66
C PHE A 43 -16.24 5.03 -10.40
N LEU A 44 -17.32 4.75 -11.14
CA LEU A 44 -18.06 3.49 -10.96
C LEU A 44 -17.13 2.30 -11.21
N LYS A 45 -16.35 2.32 -12.30
CA LYS A 45 -15.43 1.20 -12.62
C LYS A 45 -14.45 0.98 -11.48
N ALA A 46 -13.92 2.05 -10.90
CA ALA A 46 -12.88 2.00 -9.84
C ALA A 46 -13.44 1.33 -8.59
N ARG A 47 -14.77 1.30 -8.41
CA ARG A 47 -15.43 0.61 -7.27
C ARG A 47 -16.34 -0.51 -7.76
N LYS A 48 -16.06 -1.07 -8.94
CA LYS A 48 -16.76 -2.26 -9.50
C LYS A 48 -18.28 -2.05 -9.45
N PHE A 49 -18.76 -0.83 -9.75
CA PHE A 49 -20.20 -0.47 -9.90
C PHE A 49 -20.97 -0.65 -8.58
N ASP A 50 -20.27 -0.63 -7.45
CA ASP A 50 -20.90 -0.60 -6.10
C ASP A 50 -21.29 0.86 -5.85
N ILE A 51 -22.59 1.15 -5.92
CA ILE A 51 -23.14 2.53 -5.93
C ILE A 51 -22.84 3.20 -4.59
N GLY A 52 -22.87 2.48 -3.46
CA GLY A 52 -22.55 3.02 -2.12
C GLY A 52 -21.10 3.46 -1.98
N LYS A 53 -20.15 2.60 -2.34
CA LYS A 53 -18.68 2.87 -2.31
C LYS A 53 -18.33 3.95 -3.35
N THR A 54 -19.05 4.00 -4.48
CA THR A 54 -18.76 4.98 -5.55
C THR A 54 -19.23 6.33 -5.05
N LYS A 55 -20.38 6.40 -4.38
CA LYS A 55 -20.88 7.69 -3.88
C LYS A 55 -19.89 8.22 -2.82
N LEU A 56 -19.39 7.35 -1.93
CA LEU A 56 -18.36 7.75 -0.95
C LEU A 56 -17.15 8.28 -1.70
N MET A 57 -16.67 7.53 -2.69
CA MET A 57 -15.48 7.91 -3.49
C MET A 57 -15.71 9.30 -4.08
N TRP A 58 -16.89 9.50 -4.69
CA TRP A 58 -17.26 10.75 -5.38
C TRP A 58 -17.28 11.90 -4.39
N SER A 59 -17.97 11.69 -3.27
CA SER A 59 -18.10 12.67 -2.16
C SER A 59 -16.71 13.06 -1.63
N ASN A 60 -15.80 12.11 -1.43
CA ASN A 60 -14.40 12.42 -0.99
C ASN A 60 -13.67 13.27 -2.05
N MET A 61 -13.86 12.93 -3.33
CA MET A 61 -13.23 13.67 -4.45
C MET A 61 -13.75 15.13 -4.48
N ILE A 62 -15.03 15.37 -4.25
CA ILE A 62 -15.61 16.75 -4.28
C ILE A 62 -14.96 17.56 -3.17
N LYS A 63 -14.96 17.00 -1.96
CA LYS A 63 -14.31 17.64 -0.79
C LYS A 63 -12.83 17.87 -1.14
N TRP A 64 -12.14 16.88 -1.73
CA TRP A 64 -10.71 17.01 -2.09
C TRP A 64 -10.52 18.18 -3.04
N ARG A 65 -11.33 18.28 -4.10
CA ARG A 65 -11.17 19.39 -5.08
C ARG A 65 -11.45 20.73 -4.38
N LYS A 66 -12.42 20.79 -3.47
CA LYS A 66 -12.75 22.00 -2.67
C LYS A 66 -11.51 22.38 -1.82
N ASP A 67 -10.96 21.43 -1.05
CA ASP A 67 -9.91 21.68 -0.04
C ASP A 67 -8.57 21.92 -0.75
N PHE A 68 -8.26 21.20 -1.81
CA PHE A 68 -6.95 21.32 -2.51
C PHE A 68 -6.88 22.60 -3.36
N GLY A 69 -8.03 23.13 -3.76
CA GLY A 69 -8.17 24.26 -4.71
C GLY A 69 -8.01 23.82 -6.16
N THR A 70 -8.47 22.61 -6.49
CA THR A 70 -8.23 21.99 -7.83
C THR A 70 -8.97 22.78 -8.93
N ASP A 71 -10.16 23.29 -8.60
CA ASP A 71 -11.10 23.94 -9.56
C ASP A 71 -10.57 25.33 -9.97
N THR A 72 -9.60 25.90 -9.24
CA THR A 72 -9.00 27.22 -9.56
C THR A 72 -7.50 27.12 -9.76
N ILE A 73 -6.95 25.91 -9.92
CA ILE A 73 -5.49 25.65 -9.91
C ILE A 73 -4.86 26.24 -11.18
N PHE A 74 -5.60 26.28 -12.29
CA PHE A 74 -5.15 26.92 -13.56
C PHE A 74 -4.90 28.40 -13.23
N GLU A 75 -5.85 29.03 -12.53
CA GLU A 75 -5.81 30.45 -12.10
C GLU A 75 -4.73 30.65 -11.01
N ASP A 76 -4.65 29.79 -10.00
CA ASP A 76 -4.00 30.11 -8.70
C ASP A 76 -2.51 29.74 -8.71
N PHE A 77 -2.12 28.62 -9.30
CA PHE A 77 -0.75 28.06 -9.08
C PHE A 77 0.16 28.37 -10.26
N GLU A 78 1.26 29.08 -9.99
CA GLU A 78 2.37 29.28 -10.96
C GLU A 78 3.61 28.58 -10.41
N PHE A 79 4.02 27.51 -11.09
CA PHE A 79 5.13 26.61 -10.69
C PHE A 79 6.38 27.15 -11.35
N GLU A 80 6.90 28.28 -10.86
CA GLU A 80 7.98 29.04 -11.56
C GLU A 80 9.28 28.23 -11.59
N GLU A 81 9.46 27.21 -10.74
CA GLU A 81 10.69 26.37 -10.77
C GLU A 81 10.59 25.27 -11.84
N PHE A 82 9.58 25.26 -12.70
CA PHE A 82 9.27 24.16 -13.66
C PHE A 82 10.52 23.72 -14.41
N ASP A 83 11.23 24.68 -15.02
CA ASP A 83 12.38 24.44 -15.94
C ASP A 83 13.53 23.78 -15.17
N GLU A 84 13.77 24.21 -13.93
CA GLU A 84 14.79 23.62 -13.04
C GLU A 84 14.40 22.16 -12.68
N VAL A 85 13.14 21.92 -12.37
CA VAL A 85 12.63 20.55 -12.00
C VAL A 85 12.85 19.61 -13.19
N LEU A 86 12.53 20.05 -14.40
CA LEU A 86 12.66 19.20 -15.61
C LEU A 86 14.10 18.75 -15.76
N LYS A 87 15.06 19.59 -15.36
CA LYS A 87 16.50 19.30 -15.50
C LYS A 87 16.89 18.14 -14.59
N TYR A 88 16.21 17.93 -13.45
CA TYR A 88 16.53 16.83 -12.49
C TYR A 88 15.38 15.81 -12.38
N TYR A 89 14.34 15.93 -13.23
CA TYR A 89 13.19 14.98 -13.33
C TYR A 89 12.65 15.03 -14.77
N PRO A 90 13.31 14.35 -15.74
CA PRO A 90 12.83 14.35 -17.12
C PRO A 90 11.54 13.52 -17.24
N HIS A 91 10.45 14.21 -17.56
CA HIS A 91 9.12 13.60 -17.79
C HIS A 91 8.34 14.44 -18.80
N GLY A 92 7.41 13.80 -19.49
CA GLY A 92 6.54 14.49 -20.47
C GLY A 92 5.64 13.53 -21.22
N TYR A 93 4.56 14.06 -21.75
CA TYR A 93 3.78 13.42 -22.84
C TYR A 93 4.59 13.54 -24.13
N HIS A 94 4.51 12.53 -24.96
CA HIS A 94 5.18 12.49 -26.29
C HIS A 94 4.38 11.58 -27.22
N GLY A 95 3.46 12.16 -27.98
CA GLY A 95 2.78 11.47 -29.07
C GLY A 95 1.72 10.51 -28.56
N VAL A 96 1.30 9.59 -29.44
CA VAL A 96 0.20 8.66 -29.15
C VAL A 96 0.60 7.24 -29.51
N ASP A 97 -0.06 6.27 -28.93
CA ASP A 97 0.14 4.83 -29.24
C ASP A 97 -0.73 4.51 -30.46
N LYS A 98 -0.65 3.28 -30.95
CA LYS A 98 -1.36 2.88 -32.20
C LYS A 98 -2.88 2.89 -32.00
N GLU A 99 -3.37 2.91 -30.75
CA GLU A 99 -4.82 3.00 -30.46
C GLU A 99 -5.22 4.46 -30.20
N GLY A 100 -4.31 5.44 -30.28
CA GLY A 100 -4.64 6.87 -30.16
C GLY A 100 -4.55 7.45 -28.75
N ARG A 101 -4.14 6.67 -27.75
CA ARG A 101 -3.92 7.17 -26.37
C ARG A 101 -2.59 7.93 -26.27
N PRO A 102 -2.51 8.99 -25.46
CA PRO A 102 -1.25 9.71 -25.28
C PRO A 102 -0.20 8.82 -24.58
N VAL A 103 1.06 9.02 -24.96
CA VAL A 103 2.20 8.28 -24.37
C VAL A 103 2.83 9.22 -23.35
N TYR A 104 2.97 8.79 -22.10
CA TYR A 104 3.60 9.59 -21.03
C TYR A 104 4.88 8.86 -20.64
N ILE A 105 5.99 9.59 -20.60
CA ILE A 105 7.34 9.04 -20.34
C ILE A 105 7.91 9.70 -19.09
N GLU A 106 8.67 8.94 -18.31
CA GLU A 106 9.56 9.46 -17.23
C GLU A 106 10.89 8.75 -17.35
N ARG A 107 11.99 9.50 -17.28
CA ARG A 107 13.35 8.93 -17.26
C ARG A 107 13.83 8.94 -15.81
N LEU A 108 13.42 7.92 -15.06
CA LEU A 108 13.62 7.88 -13.58
C LEU A 108 15.08 7.57 -13.27
N GLY A 109 15.79 6.96 -14.21
CA GLY A 109 17.25 6.79 -14.18
C GLY A 109 18.02 8.11 -14.16
N LEU A 110 17.42 9.20 -14.63
CA LEU A 110 18.08 10.53 -14.74
C LEU A 110 17.49 11.48 -13.69
N VAL A 111 16.73 10.99 -12.72
CA VAL A 111 16.22 11.83 -11.61
C VAL A 111 17.39 12.08 -10.64
N ASP A 112 17.66 13.33 -10.28
CA ASP A 112 18.65 13.75 -9.23
C ASP A 112 17.85 14.15 -7.99
N PRO A 113 17.68 13.26 -6.98
CA PRO A 113 16.84 13.57 -5.83
C PRO A 113 17.28 14.82 -5.04
N ALA A 114 18.58 14.95 -4.80
CA ALA A 114 19.23 16.04 -4.03
C ALA A 114 18.95 17.39 -4.69
N LYS A 115 19.26 17.52 -5.99
CA LYS A 115 19.13 18.79 -6.74
C LYS A 115 17.65 19.15 -6.87
N LEU A 116 16.77 18.16 -6.99
CA LEU A 116 15.31 18.39 -7.13
C LEU A 116 14.79 19.05 -5.84
N MET A 117 15.28 18.61 -4.69
CA MET A 117 14.81 19.18 -3.41
C MET A 117 15.45 20.54 -3.13
N GLN A 118 16.49 20.91 -3.83
CA GLN A 118 16.97 22.29 -3.75
C GLN A 118 16.05 23.25 -4.51
N VAL A 119 15.33 22.78 -5.55
CA VAL A 119 14.66 23.73 -6.49
C VAL A 119 13.15 23.75 -6.24
N THR A 120 12.61 22.76 -5.52
CA THR A 120 11.15 22.68 -5.26
C THR A 120 10.90 21.95 -3.93
N THR A 121 9.65 21.93 -3.48
CA THR A 121 9.21 21.09 -2.33
C THR A 121 8.27 19.98 -2.81
N VAL A 122 8.06 18.98 -1.96
CA VAL A 122 7.17 17.83 -2.26
C VAL A 122 5.74 18.35 -2.41
N GLU A 123 5.29 19.27 -1.54
CA GLU A 123 3.95 19.88 -1.63
C GLU A 123 3.76 20.55 -3.00
N ARG A 124 4.79 21.24 -3.51
CA ARG A 124 4.71 22.08 -4.72
C ARG A 124 4.71 21.13 -5.93
N PHE A 125 5.58 20.11 -5.91
CA PHE A 125 5.69 19.11 -6.99
C PHE A 125 4.34 18.39 -7.10
N ILE A 126 3.70 18.09 -5.98
CA ILE A 126 2.38 17.41 -6.00
C ILE A 126 1.34 18.37 -6.58
N ARG A 127 1.37 19.65 -6.21
CA ARG A 127 0.38 20.62 -6.73
C ARG A 127 0.58 20.75 -8.24
N TYR A 128 1.82 20.78 -8.71
CA TYR A 128 2.20 20.80 -10.14
C TYR A 128 1.64 19.54 -10.82
N HIS A 129 1.82 18.37 -10.21
CA HIS A 129 1.27 17.07 -10.70
C HIS A 129 -0.25 17.17 -10.87
N VAL A 130 -0.98 17.76 -9.94
CA VAL A 130 -2.46 17.93 -10.01
C VAL A 130 -2.82 18.89 -11.16
N ARG A 131 -2.08 19.99 -11.32
CA ARG A 131 -2.30 20.96 -12.41
C ARG A 131 -2.13 20.28 -13.77
N GLU A 132 -1.11 19.45 -13.93
CA GLU A 132 -0.85 18.72 -15.20
C GLU A 132 -1.97 17.70 -15.44
N PHE A 133 -2.43 17.01 -14.41
CA PHE A 133 -3.55 16.05 -14.56
C PHE A 133 -4.80 16.80 -15.04
N GLU A 134 -5.08 17.97 -14.48
CA GLU A 134 -6.22 18.81 -14.94
C GLU A 134 -6.07 19.12 -16.45
N LYS A 135 -4.87 19.41 -16.93
CA LYS A 135 -4.61 19.64 -18.36
C LYS A 135 -4.82 18.33 -19.12
N THR A 136 -4.34 17.21 -18.56
CA THR A 136 -4.42 15.88 -19.22
C THR A 136 -5.88 15.49 -19.44
N VAL A 137 -6.76 15.69 -18.47
CA VAL A 137 -8.15 15.22 -18.62
C VAL A 137 -9.00 16.23 -19.35
N ASN A 138 -8.67 17.53 -19.31
CA ASN A 138 -9.52 18.58 -19.92
C ASN A 138 -9.02 18.93 -21.33
N ILE A 139 -7.73 18.83 -21.61
CA ILE A 139 -7.18 19.22 -22.93
C ILE A 139 -6.64 18.00 -23.66
N LYS A 140 -5.72 17.25 -23.08
CA LYS A 140 -4.87 16.30 -23.85
C LYS A 140 -5.66 15.07 -24.26
N LEU A 141 -6.45 14.50 -23.34
CA LEU A 141 -7.23 13.29 -23.68
C LEU A 141 -8.36 13.65 -24.66
N PRO A 142 -9.16 14.71 -24.48
CA PRO A 142 -10.12 15.09 -25.52
C PRO A 142 -9.52 15.36 -26.91
N ALA A 143 -8.35 15.99 -26.96
CA ALA A 143 -7.62 16.19 -28.22
C ALA A 143 -7.45 14.83 -28.90
N CYS A 144 -7.08 13.81 -28.11
CA CYS A 144 -6.78 12.46 -28.62
C CYS A 144 -8.05 11.80 -29.18
N CYS A 145 -9.20 12.10 -28.59
CA CYS A 145 -10.56 11.68 -28.98
C CYS A 145 -10.82 12.15 -30.41
N ILE A 146 -10.47 13.40 -30.68
CA ILE A 146 -10.68 14.09 -31.97
C ILE A 146 -9.72 13.50 -32.99
N ALA A 147 -8.44 13.31 -32.65
CA ALA A 147 -7.41 12.87 -33.63
C ALA A 147 -7.71 11.43 -34.04
N ALA A 148 -8.20 10.60 -33.12
CA ALA A 148 -8.43 9.16 -33.37
C ALA A 148 -9.87 8.91 -33.84
N LYS A 149 -10.75 9.92 -33.77
CA LYS A 149 -12.22 9.78 -33.92
C LYS A 149 -12.73 8.61 -33.06
N ARG A 150 -12.32 8.58 -31.79
CA ARG A 150 -12.62 7.46 -30.87
C ARG A 150 -12.48 7.98 -29.43
N HIS A 151 -13.42 7.63 -28.55
CA HIS A 151 -13.37 8.05 -27.11
C HIS A 151 -12.09 7.50 -26.49
N ILE A 152 -11.28 8.41 -25.94
CA ILE A 152 -9.98 8.11 -25.28
C ILE A 152 -10.03 8.79 -23.92
N ASP A 153 -9.75 8.05 -22.85
CA ASP A 153 -9.63 8.74 -21.54
C ASP A 153 -8.57 8.06 -20.66
N SER A 154 -7.55 7.41 -21.23
CA SER A 154 -6.48 6.73 -20.46
C SER A 154 -5.21 6.81 -21.28
N SER A 155 -4.06 6.70 -20.62
CA SER A 155 -2.73 6.84 -21.22
C SER A 155 -1.97 5.52 -21.20
N THR A 156 -0.97 5.46 -22.06
CA THR A 156 0.12 4.48 -22.03
C THR A 156 1.32 5.22 -21.41
N THR A 157 1.90 4.65 -20.35
CA THR A 157 3.02 5.25 -19.63
C THR A 157 4.26 4.40 -19.83
N ILE A 158 5.38 5.06 -20.07
CA ILE A 158 6.69 4.37 -20.05
C ILE A 158 7.48 4.94 -18.88
N LEU A 159 7.99 4.06 -18.01
CA LEU A 159 8.97 4.49 -17.00
C LEU A 159 10.33 3.88 -17.37
N ASP A 160 11.29 4.73 -17.72
CA ASP A 160 12.70 4.29 -17.93
C ASP A 160 13.40 4.27 -16.56
N VAL A 161 13.79 3.09 -16.10
CA VAL A 161 14.41 2.94 -14.76
C VAL A 161 15.85 2.43 -14.93
N GLN A 162 16.50 2.81 -16.03
CA GLN A 162 17.94 2.52 -16.26
C GLN A 162 18.77 2.92 -15.04
N GLY A 163 19.54 2.00 -14.49
CA GLY A 163 20.47 2.30 -13.39
C GLY A 163 19.78 2.39 -12.03
N VAL A 164 18.45 2.33 -11.97
CA VAL A 164 17.73 2.39 -10.68
C VAL A 164 17.83 1.00 -9.99
N GLY A 165 18.38 0.99 -8.78
CA GLY A 165 18.53 -0.23 -7.97
C GLY A 165 17.98 0.01 -6.58
N PHE A 166 17.78 -1.07 -5.83
CA PHE A 166 17.13 -1.04 -4.49
C PHE A 166 18.01 -0.34 -3.46
N LYS A 167 19.34 -0.42 -3.60
CA LYS A 167 20.30 0.16 -2.61
C LYS A 167 20.07 1.67 -2.49
N ASN A 168 19.76 2.34 -3.59
CA ASN A 168 19.53 3.81 -3.63
C ASN A 168 18.04 4.11 -3.86
N PHE A 169 17.14 3.23 -3.44
CA PHE A 169 15.67 3.49 -3.48
C PHE A 169 15.29 3.94 -2.07
N SER A 170 15.01 5.23 -1.92
CA SER A 170 14.93 5.89 -0.60
C SER A 170 13.48 5.99 -0.12
N LYS A 171 13.32 6.26 1.16
CA LYS A 171 12.00 6.32 1.79
C LYS A 171 11.25 7.50 1.22
N PRO A 172 11.87 8.69 1.04
CA PRO A 172 11.17 9.81 0.43
C PRO A 172 10.70 9.55 -1.01
N ALA A 173 11.51 8.85 -1.81
CA ALA A 173 11.14 8.45 -3.19
C ALA A 173 9.88 7.56 -3.10
N ARG A 174 9.92 6.55 -2.25
CA ARG A 174 8.78 5.64 -2.05
C ARG A 174 7.56 6.46 -1.61
N ASP A 175 7.72 7.34 -0.64
CA ASP A 175 6.56 8.06 -0.06
C ASP A 175 5.96 9.01 -1.10
N LEU A 176 6.77 9.62 -1.95
CA LEU A 176 6.23 10.48 -3.05
C LEU A 176 5.38 9.62 -3.99
N ILE A 177 5.85 8.47 -4.43
CA ILE A 177 5.08 7.54 -5.30
C ILE A 177 3.74 7.21 -4.65
N ILE A 178 3.71 6.96 -3.33
CA ILE A 178 2.47 6.57 -2.58
C ILE A 178 1.48 7.74 -2.60
N GLN A 179 2.02 8.94 -2.38
CA GLN A 179 1.21 10.18 -2.28
C GLN A 179 0.63 10.51 -3.64
N LEU A 180 1.44 10.40 -4.70
CA LEU A 180 0.97 10.66 -6.08
C LEU A 180 -0.12 9.64 -6.43
N GLN A 181 0.14 8.37 -6.17
CA GLN A 181 -0.83 7.29 -6.48
C GLN A 181 -2.12 7.50 -5.69
N LYS A 182 -2.05 8.06 -4.48
CA LYS A 182 -3.26 8.23 -3.62
C LYS A 182 -4.12 9.31 -4.27
N ILE A 183 -3.50 10.41 -4.67
CA ILE A 183 -4.22 11.51 -5.36
C ILE A 183 -4.84 10.96 -6.64
N ASP A 184 -4.09 10.16 -7.39
CA ASP A 184 -4.49 9.65 -8.72
C ASP A 184 -5.64 8.63 -8.56
N ASN A 185 -5.51 7.66 -7.62
CA ASN A 185 -6.55 6.62 -7.41
C ASN A 185 -7.82 7.30 -6.88
N ASP A 186 -7.68 8.32 -6.01
CA ASP A 186 -8.82 8.97 -5.32
C ASP A 186 -9.61 9.89 -6.27
N ASN A 187 -8.92 10.61 -7.16
CA ASN A 187 -9.46 11.82 -7.86
C ASN A 187 -9.36 11.72 -9.39
N TYR A 188 -8.51 10.83 -9.93
CA TYR A 188 -8.30 10.65 -11.39
C TYR A 188 -8.34 9.17 -11.73
N PRO A 189 -9.37 8.41 -11.30
CA PRO A 189 -9.33 6.96 -11.47
C PRO A 189 -9.47 6.49 -12.92
N GLU A 190 -8.86 5.35 -13.24
CA GLU A 190 -9.09 4.66 -14.51
C GLU A 190 -8.53 5.56 -15.63
N THR A 191 -7.43 6.26 -15.37
CA THR A 191 -6.74 7.16 -16.36
C THR A 191 -5.44 6.50 -16.81
N LEU A 192 -5.04 5.37 -16.22
CA LEU A 192 -3.90 4.59 -16.77
C LEU A 192 -4.39 3.37 -17.55
N HIS A 193 -4.02 3.24 -18.82
CA HIS A 193 -4.38 2.05 -19.64
C HIS A 193 -3.35 0.95 -19.42
N ARG A 194 -2.07 1.31 -19.49
CA ARG A 194 -0.99 0.35 -19.31
C ARG A 194 0.31 1.09 -19.07
N MET A 195 1.24 0.41 -18.44
CA MET A 195 2.57 0.98 -18.16
C MET A 195 3.62 -0.08 -18.48
N PHE A 196 4.68 0.38 -19.11
CA PHE A 196 5.88 -0.39 -19.44
C PHE A 196 7.02 0.20 -18.63
N ILE A 197 7.52 -0.58 -17.67
CA ILE A 197 8.73 -0.20 -16.92
C ILE A 197 9.90 -0.85 -17.65
N ILE A 198 10.83 -0.05 -18.18
CA ILE A 198 11.91 -0.56 -19.08
C ILE A 198 13.28 -0.36 -18.45
N ASN A 199 14.29 -1.11 -18.95
CA ASN A 199 15.71 -1.04 -18.53
C ASN A 199 15.80 -1.34 -17.03
N GLY A 200 15.04 -2.33 -16.58
CA GLY A 200 15.14 -2.76 -15.18
C GLY A 200 16.33 -3.67 -15.06
N GLY A 201 17.32 -3.30 -14.26
CA GLY A 201 18.43 -4.20 -13.92
C GLY A 201 18.02 -5.20 -12.84
N SER A 202 18.90 -6.12 -12.47
CA SER A 202 18.67 -7.08 -11.37
C SER A 202 18.49 -6.31 -10.05
N GLY A 203 19.14 -5.15 -9.92
CA GLY A 203 18.95 -4.21 -8.79
C GLY A 203 17.53 -3.67 -8.67
N PHE A 204 16.75 -3.66 -9.76
CA PHE A 204 15.37 -3.12 -9.75
C PHE A 204 14.39 -4.11 -9.12
N LYS A 205 14.71 -5.40 -9.10
CA LYS A 205 13.77 -6.48 -8.68
C LYS A 205 13.18 -6.19 -7.30
N LEU A 206 13.97 -5.69 -6.37
CA LEU A 206 13.46 -5.43 -4.99
C LEU A 206 12.71 -4.09 -4.94
N VAL A 207 12.99 -3.15 -5.84
CA VAL A 207 12.25 -1.86 -5.94
C VAL A 207 10.82 -2.22 -6.34
N TRP A 208 10.69 -3.03 -7.37
CA TRP A 208 9.39 -3.51 -7.88
C TRP A 208 8.67 -4.36 -6.83
N ALA A 209 9.39 -5.22 -6.12
CA ALA A 209 8.83 -6.03 -5.00
C ALA A 209 8.19 -5.09 -3.97
N THR A 210 8.92 -4.08 -3.52
CA THR A 210 8.46 -3.22 -2.38
C THR A 210 7.31 -2.32 -2.85
N VAL A 211 7.35 -1.85 -4.10
CA VAL A 211 6.36 -0.86 -4.60
C VAL A 211 5.01 -1.54 -4.78
N LYS A 212 5.01 -2.77 -5.30
CA LYS A 212 3.81 -3.62 -5.49
C LYS A 212 3.05 -3.76 -4.17
N GLN A 213 3.73 -3.74 -3.03
CA GLN A 213 3.09 -3.87 -1.70
C GLN A 213 2.12 -2.70 -1.45
N PHE A 214 2.36 -1.51 -2.04
CA PHE A 214 1.54 -0.29 -1.78
C PHE A 214 0.61 0.04 -2.97
N LEU A 215 0.77 -0.61 -4.12
CA LEU A 215 0.07 -0.19 -5.37
C LEU A 215 -1.32 -0.79 -5.44
N ASP A 216 -2.29 -0.10 -6.06
CA ASP A 216 -3.65 -0.68 -6.23
C ASP A 216 -3.48 -1.92 -7.08
N PRO A 217 -4.02 -3.10 -6.70
CA PRO A 217 -3.77 -4.33 -7.46
C PRO A 217 -4.28 -4.33 -8.90
N LYS A 218 -5.32 -3.58 -9.22
CA LYS A 218 -5.76 -3.43 -10.63
C LYS A 218 -4.68 -2.68 -11.43
N THR A 219 -4.04 -1.67 -10.83
CA THR A 219 -2.87 -0.95 -11.42
C THR A 219 -1.70 -1.91 -11.65
N VAL A 220 -1.36 -2.74 -10.70
CA VAL A 220 -0.27 -3.76 -10.88
C VAL A 220 -0.57 -4.61 -12.12
N THR A 221 -1.81 -5.01 -12.36
CA THR A 221 -2.12 -5.94 -13.48
C THR A 221 -1.87 -5.24 -14.82
N LYS A 222 -1.87 -3.89 -14.85
CA LYS A 222 -1.63 -3.06 -16.06
C LYS A 222 -0.15 -2.75 -16.26
N ILE A 223 0.73 -3.21 -15.38
CA ILE A 223 2.17 -2.86 -15.42
C ILE A 223 2.97 -4.05 -15.93
N HIS A 224 3.87 -3.81 -16.91
CA HIS A 224 4.81 -4.80 -17.48
C HIS A 224 6.24 -4.30 -17.22
N VAL A 225 7.07 -5.12 -16.55
CA VAL A 225 8.46 -4.72 -16.22
C VAL A 225 9.37 -5.41 -17.23
N ILE A 226 10.16 -4.63 -17.97
CA ILE A 226 11.07 -5.17 -19.02
C ILE A 226 12.51 -4.78 -18.67
N GLY A 227 13.49 -5.57 -19.14
CA GLY A 227 14.93 -5.22 -19.01
C GLY A 227 15.40 -4.29 -20.12
N ASN A 228 16.65 -4.49 -20.58
CA ASN A 228 17.32 -3.66 -21.62
C ASN A 228 16.74 -3.89 -23.03
N LYS A 229 16.22 -5.08 -23.37
CA LYS A 229 15.70 -5.36 -24.74
C LYS A 229 14.20 -5.00 -24.81
N TYR A 230 13.90 -3.70 -24.79
CA TYR A 230 12.51 -3.18 -24.67
C TYR A 230 12.01 -2.59 -26.01
N GLN A 231 12.92 -2.33 -26.96
CA GLN A 231 12.64 -1.48 -28.15
C GLN A 231 11.52 -2.10 -28.99
N ASN A 232 11.53 -3.40 -29.20
CA ASN A 232 10.56 -4.09 -30.10
C ASN A 232 9.17 -4.10 -29.47
N LYS A 233 9.10 -4.25 -28.15
CA LYS A 233 7.80 -4.27 -27.44
C LYS A 233 7.18 -2.88 -27.58
N LEU A 234 7.97 -1.81 -27.42
CA LEU A 234 7.42 -0.44 -27.58
C LEU A 234 7.00 -0.20 -29.02
N LEU A 235 7.79 -0.63 -30.01
CA LEU A 235 7.44 -0.45 -31.43
C LEU A 235 6.19 -1.24 -31.80
N GLU A 236 5.89 -2.34 -31.10
CA GLU A 236 4.66 -3.13 -31.36
C GLU A 236 3.44 -2.24 -31.11
N ILE A 237 3.46 -1.44 -30.04
CA ILE A 237 2.23 -0.78 -29.53
C ILE A 237 2.28 0.71 -29.83
N ILE A 238 3.45 1.25 -30.18
CA ILE A 238 3.68 2.66 -30.56
C ILE A 238 4.39 2.75 -31.92
N ASP A 239 3.86 3.55 -32.85
CA ASP A 239 4.55 3.76 -34.16
C ASP A 239 5.89 4.45 -33.91
N ALA A 240 6.91 4.08 -34.69
CA ALA A 240 8.28 4.61 -34.60
C ALA A 240 8.27 6.15 -34.66
N SER A 241 7.35 6.78 -35.41
CA SER A 241 7.28 8.25 -35.56
C SER A 241 6.88 8.91 -34.24
N GLN A 242 6.21 8.17 -33.34
CA GLN A 242 5.66 8.69 -32.06
C GLN A 242 6.59 8.33 -30.90
N LEU A 243 7.66 7.60 -31.18
CA LEU A 243 8.60 7.04 -30.17
C LEU A 243 9.95 7.72 -30.31
N PRO A 244 10.48 8.32 -29.22
CA PRO A 244 11.81 8.93 -29.26
C PRO A 244 12.87 7.93 -29.71
N ASP A 245 13.89 8.39 -30.42
CA ASP A 245 15.00 7.55 -30.94
C ASP A 245 15.72 6.87 -29.78
N PHE A 246 15.83 7.50 -28.62
CA PHE A 246 16.59 6.91 -27.47
C PHE A 246 15.79 5.73 -26.89
N LEU A 247 14.48 5.63 -27.17
CA LEU A 247 13.64 4.45 -26.84
C LEU A 247 13.47 3.51 -28.04
N GLY A 248 14.04 3.82 -29.21
CA GLY A 248 14.03 2.89 -30.37
C GLY A 248 13.18 3.38 -31.53
N GLY A 249 12.65 4.60 -31.48
CA GLY A 249 11.84 5.15 -32.58
C GLY A 249 12.64 6.04 -33.49
N THR A 250 11.98 6.91 -34.25
CA THR A 250 12.64 7.80 -35.24
C THR A 250 12.55 9.25 -34.77
N CYS A 251 11.74 9.58 -33.73
CA CYS A 251 11.54 10.99 -33.33
C CYS A 251 12.76 11.59 -32.61
N THR A 252 13.11 12.83 -32.95
CA THR A 252 14.21 13.59 -32.28
C THR A 252 13.66 14.88 -31.69
N CYS A 253 12.50 15.36 -32.17
CA CYS A 253 11.92 16.67 -31.81
C CYS A 253 13.04 17.74 -31.76
N ALA A 254 13.94 17.73 -32.74
CA ALA A 254 15.22 18.50 -32.75
C ALA A 254 15.01 20.02 -32.67
N ASP A 255 13.94 20.55 -33.26
CA ASP A 255 13.67 22.02 -33.28
C ASP A 255 12.89 22.45 -32.02
N ARG A 256 12.62 21.53 -31.09
CA ARG A 256 11.75 21.76 -29.91
C ARG A 256 12.44 21.34 -28.60
N GLY A 257 13.76 21.18 -28.58
CA GLY A 257 14.53 20.86 -27.36
C GLY A 257 14.57 19.37 -27.03
N GLY A 258 14.35 18.47 -28.00
CA GLY A 258 14.37 17.01 -27.76
C GLY A 258 13.00 16.52 -27.33
N CYS A 259 12.78 15.21 -27.48
CA CYS A 259 11.47 14.53 -27.25
C CYS A 259 11.00 14.74 -25.80
N MET A 260 11.90 14.81 -24.82
CA MET A 260 11.47 14.93 -23.39
C MET A 260 10.96 16.33 -23.06
N ARG A 261 11.15 17.34 -23.94
CA ARG A 261 10.70 18.73 -23.65
C ARG A 261 9.68 19.26 -24.68
N SER A 262 9.27 18.46 -25.67
CA SER A 262 8.42 18.92 -26.81
C SER A 262 6.93 18.96 -26.44
N ASP A 263 6.50 18.08 -25.55
CA ASP A 263 5.05 17.83 -25.25
C ASP A 263 4.34 17.51 -26.57
N LYS A 264 5.00 16.77 -27.46
CA LYS A 264 4.46 16.48 -28.82
C LYS A 264 3.16 15.71 -28.66
N GLY A 265 2.14 16.04 -29.45
CA GLY A 265 0.87 15.30 -29.44
C GLY A 265 -0.22 16.13 -30.10
N PRO A 266 -1.42 15.55 -30.31
CA PRO A 266 -2.50 16.23 -31.03
C PRO A 266 -3.09 17.46 -30.32
N TRP A 267 -2.77 17.61 -29.03
CA TRP A 267 -3.19 18.76 -28.20
C TRP A 267 -2.29 19.96 -28.53
N ASN A 268 -1.26 19.80 -29.36
CA ASN A 268 -0.47 20.96 -29.86
C ASN A 268 -1.00 21.43 -31.21
N ASP A 269 -2.02 20.78 -31.74
CA ASP A 269 -2.55 21.13 -33.07
C ASP A 269 -3.66 22.16 -32.91
N PRO A 270 -3.54 23.35 -33.53
CA PRO A 270 -4.53 24.42 -33.33
C PRO A 270 -5.93 24.04 -33.84
N GLU A 271 -6.02 23.27 -34.92
CA GLU A 271 -7.31 22.87 -35.53
C GLU A 271 -8.01 21.90 -34.57
N ILE A 272 -7.26 20.97 -33.95
CA ILE A 272 -7.84 20.00 -32.97
C ILE A 272 -8.29 20.79 -31.73
N LEU A 273 -7.45 21.68 -31.21
CA LEU A 273 -7.83 22.52 -30.03
C LEU A 273 -9.07 23.35 -30.33
N LYS A 274 -9.20 23.83 -31.56
CA LYS A 274 -10.37 24.67 -31.95
C LYS A 274 -11.63 23.80 -31.89
N MET A 275 -11.52 22.50 -32.15
CA MET A 275 -12.63 21.51 -32.11
C MET A 275 -13.03 21.24 -30.67
N LEU A 276 -12.15 21.52 -29.71
CA LEU A 276 -12.46 21.29 -28.29
C LEU A 276 -13.23 22.48 -27.75
N GLN A 277 -12.70 23.68 -27.96
CA GLN A 277 -13.22 24.90 -27.32
C GLN A 277 -14.63 25.21 -27.83
N SER A 278 -14.82 25.23 -29.14
CA SER A 278 -16.10 25.65 -29.77
C SER A 278 -16.37 24.74 -30.96
N GLY A 279 -16.77 23.52 -30.63
CA GLY A 279 -17.14 22.41 -31.53
C GLY A 279 -18.24 21.62 -30.87
N GLY A 280 -18.74 20.56 -31.49
CA GLY A 280 -19.82 19.76 -30.91
C GLY A 280 -19.40 19.12 -29.58
N PRO A 281 -20.34 18.77 -28.68
CA PRO A 281 -20.03 17.89 -27.54
C PRO A 281 -19.43 16.57 -28.05
N LEU A 282 -18.42 16.04 -27.36
CA LEU A 282 -17.70 14.81 -27.77
C LEU A 282 -18.55 13.57 -27.46
N CYS A 283 -19.49 13.67 -26.50
CA CYS A 283 -20.28 12.49 -26.05
C CYS A 283 -21.78 12.70 -26.28
N ARG A 284 -22.37 11.79 -27.05
CA ARG A 284 -23.77 11.81 -27.53
C ARG A 284 -24.75 11.59 -26.37
N HIS A 285 -24.32 11.00 -25.23
CA HIS A 285 -25.20 10.81 -24.03
C HIS A 285 -25.27 12.11 -23.21
N ASN A 286 -24.13 12.74 -22.97
CA ASN A 286 -24.13 14.08 -22.32
C ASN A 286 -24.96 15.02 -23.20
N SER A 287 -24.80 14.96 -24.52
CA SER A 287 -25.52 15.91 -25.41
C SER A 287 -27.02 15.65 -25.26
N ALA A 288 -27.42 14.38 -25.23
CA ALA A 288 -28.83 13.99 -25.09
C ALA A 288 -29.35 14.47 -23.71
N LEU A 289 -28.63 14.16 -22.62
CA LEU A 289 -29.01 14.61 -21.26
C LEU A 289 -29.13 16.15 -21.25
N ASN A 290 -28.12 16.86 -21.74
CA ASN A 290 -28.12 18.35 -21.68
C ASN A 290 -29.27 18.86 -22.55
N SER A 291 -29.52 18.24 -23.71
CA SER A 291 -30.66 18.53 -24.62
C SER A 291 -31.98 18.36 -23.85
N LEU A 292 -32.18 17.19 -23.22
CA LEU A 292 -33.42 16.87 -22.46
C LEU A 292 -33.60 17.87 -21.32
N GLU A 293 -32.51 18.24 -20.63
CA GLU A 293 -32.58 19.16 -19.45
C GLU A 293 -32.40 20.60 -19.95
N LEU B 3 23.26 -7.20 0.98
CA LEU B 3 22.26 -6.10 1.06
C LEU B 3 22.38 -5.44 2.44
N THR B 4 22.56 -4.13 2.47
CA THR B 4 22.62 -3.31 3.71
C THR B 4 21.20 -3.11 4.24
N ILE B 5 20.92 -3.57 5.46
CA ILE B 5 19.76 -3.04 6.22
C ILE B 5 20.32 -2.12 7.30
N GLU B 6 19.62 -1.01 7.54
CA GLU B 6 19.97 -0.05 8.62
C GLU B 6 19.80 -0.79 9.95
N ASP B 7 20.92 -1.08 10.60
CA ASP B 7 20.93 -1.80 11.90
C ASP B 7 22.00 -1.15 12.74
N ILE B 8 21.71 0.04 13.25
CA ILE B 8 22.72 0.76 14.08
C ILE B 8 22.41 0.42 15.53
N HIS B 9 23.35 -0.23 16.21
CA HIS B 9 23.21 -0.57 17.65
C HIS B 9 24.37 0.01 18.46
N ASP B 10 24.07 0.53 19.66
CA ASP B 10 25.06 1.19 20.56
C ASP B 10 26.07 0.16 21.05
N VAL B 11 27.32 0.59 21.23
CA VAL B 11 28.44 -0.28 21.71
C VAL B 11 28.07 -0.86 23.09
N GLU B 12 27.22 -0.17 23.85
CA GLU B 12 26.79 -0.61 25.20
C GLU B 12 26.03 -1.92 25.06
N GLU B 13 25.12 -2.00 24.09
CA GLU B 13 24.31 -3.21 23.84
C GLU B 13 25.22 -4.26 23.21
N LEU B 14 26.07 -3.83 22.26
CA LEU B 14 27.01 -4.74 21.54
C LEU B 14 27.82 -5.54 22.56
N ARG B 15 28.38 -4.89 23.58
CA ARG B 15 29.17 -5.55 24.65
C ARG B 15 28.27 -6.43 25.51
N ALA B 16 27.09 -5.99 25.90
CA ALA B 16 26.19 -6.75 26.80
C ALA B 16 25.74 -8.03 26.10
N VAL B 17 25.38 -7.97 24.81
CA VAL B 17 24.92 -9.17 24.05
C VAL B 17 26.11 -10.13 23.90
N ASP B 18 27.30 -9.60 23.63
CA ASP B 18 28.53 -10.41 23.40
C ASP B 18 28.87 -11.12 24.71
N GLU B 19 28.80 -10.39 25.83
CA GLU B 19 29.05 -10.95 27.18
C GLU B 19 28.01 -12.04 27.44
N PHE B 20 26.74 -11.73 27.16
CA PHE B 20 25.64 -12.70 27.38
C PHE B 20 25.91 -13.96 26.53
N ARG B 21 26.33 -13.80 25.27
CA ARG B 21 26.57 -14.89 24.30
C ARG B 21 27.73 -15.80 24.77
N ASN B 22 28.82 -15.21 25.25
CA ASN B 22 30.02 -15.94 25.75
C ASN B 22 29.65 -16.78 26.97
N LEU B 23 28.80 -16.25 27.86
CA LEU B 23 28.26 -16.98 29.02
C LEU B 23 27.41 -18.16 28.54
N LEU B 24 26.59 -17.97 27.52
CA LEU B 24 25.76 -19.07 26.94
C LEU B 24 26.68 -20.13 26.32
N VAL B 25 27.75 -19.72 25.66
CA VAL B 25 28.69 -20.63 24.95
C VAL B 25 29.43 -21.45 26.01
N SER B 26 29.91 -20.79 27.08
CA SER B 26 30.75 -21.40 28.13
C SER B 26 29.95 -22.40 28.96
N GLU B 27 28.61 -22.35 28.89
CA GLU B 27 27.73 -23.26 29.67
C GLU B 27 26.91 -24.15 28.72
N ASN B 28 27.27 -24.20 27.44
CA ASN B 28 26.60 -25.02 26.39
C ASN B 28 25.09 -24.74 26.37
N LEU B 29 24.67 -23.49 26.53
CA LEU B 29 23.23 -23.11 26.52
C LEU B 29 22.85 -22.39 25.23
N LEU B 30 23.68 -22.47 24.20
CA LEU B 30 23.44 -21.74 22.93
C LEU B 30 23.29 -22.71 21.77
N PRO B 31 22.05 -23.04 21.35
CA PRO B 31 21.83 -23.73 20.07
C PRO B 31 22.18 -22.77 18.95
N PRO B 32 22.88 -23.23 17.89
CA PRO B 32 23.28 -22.33 16.80
C PRO B 32 22.05 -21.79 16.05
N THR B 33 20.89 -22.43 16.20
CA THR B 33 19.62 -21.96 15.58
C THR B 33 19.13 -20.66 16.24
N LEU B 34 19.56 -20.37 17.47
CA LEU B 34 19.26 -19.09 18.19
C LEU B 34 20.53 -18.23 18.34
N ASP B 35 21.57 -18.48 17.53
CA ASP B 35 22.82 -17.70 17.63
C ASP B 35 22.65 -16.46 16.78
N ASP B 36 21.80 -15.55 17.28
CA ASP B 36 21.49 -14.27 16.60
C ASP B 36 21.60 -13.14 17.63
N TYR B 37 22.18 -12.02 17.23
CA TYR B 37 22.35 -10.81 18.06
C TYR B 37 20.96 -10.36 18.53
N HIS B 38 19.99 -10.29 17.62
CA HIS B 38 18.68 -9.66 17.86
C HIS B 38 17.78 -10.56 18.71
N ILE B 39 17.84 -11.88 18.57
CA ILE B 39 17.12 -12.82 19.48
C ILE B 39 17.61 -12.57 20.91
N MET B 40 18.93 -12.56 21.12
CA MET B 40 19.52 -12.45 22.47
C MET B 40 19.20 -11.07 23.06
N LEU B 41 19.26 -10.03 22.23
CA LEU B 41 18.95 -8.64 22.65
C LEU B 41 17.50 -8.56 23.13
N ARG B 42 16.58 -9.28 22.51
CA ARG B 42 15.15 -9.26 22.92
C ARG B 42 15.03 -9.83 24.34
N PHE B 43 15.77 -10.90 24.65
CA PHE B 43 15.69 -11.55 25.97
C PHE B 43 16.38 -10.66 27.00
N LEU B 44 17.51 -10.07 26.66
CA LEU B 44 18.21 -9.13 27.58
C LEU B 44 17.30 -7.93 27.87
N LYS B 45 16.61 -7.37 26.86
CA LYS B 45 15.68 -6.24 27.11
C LYS B 45 14.57 -6.67 28.07
N ALA B 46 14.05 -7.88 27.91
CA ALA B 46 12.93 -8.41 28.71
C ALA B 46 13.35 -8.58 30.18
N ARG B 47 14.64 -8.58 30.53
CA ARG B 47 15.09 -8.56 31.96
C ARG B 47 16.05 -7.39 32.19
N LYS B 48 15.88 -6.28 31.48
CA LYS B 48 16.64 -5.03 31.68
C LYS B 48 18.15 -5.33 31.77
N PHE B 49 18.65 -6.28 30.98
CA PHE B 49 20.09 -6.62 30.84
C PHE B 49 20.63 -7.23 32.15
N ASP B 50 19.76 -7.71 33.05
CA ASP B 50 20.19 -8.53 34.22
C ASP B 50 20.67 -9.86 33.65
N ILE B 51 21.98 -10.03 33.56
CA ILE B 51 22.65 -11.18 32.88
C ILE B 51 22.14 -12.49 33.50
N GLY B 52 21.97 -12.53 34.83
CA GLY B 52 21.60 -13.74 35.59
C GLY B 52 20.17 -14.17 35.29
N LYS B 53 19.22 -13.23 35.42
CA LYS B 53 17.77 -13.44 35.12
C LYS B 53 17.56 -13.72 33.63
N THR B 54 18.35 -13.11 32.74
CA THR B 54 18.27 -13.34 31.28
C THR B 54 18.67 -14.79 30.99
N LYS B 55 19.72 -15.29 31.63
CA LYS B 55 20.17 -16.69 31.43
C LYS B 55 19.06 -17.66 31.89
N LEU B 56 18.46 -17.42 33.04
CA LEU B 56 17.33 -18.26 33.53
C LEU B 56 16.19 -18.22 32.52
N MET B 57 15.84 -17.02 32.06
CA MET B 57 14.72 -16.83 31.11
C MET B 57 15.05 -17.62 29.84
N TRP B 58 16.29 -17.48 29.35
CA TRP B 58 16.79 -18.17 28.14
C TRP B 58 16.69 -19.69 28.33
N SER B 59 17.19 -20.21 29.47
CA SER B 59 17.21 -21.68 29.75
C SER B 59 15.79 -22.22 29.85
N ASN B 60 14.87 -21.47 30.47
CA ASN B 60 13.43 -21.83 30.51
C ASN B 60 12.87 -21.95 29.08
N MET B 61 13.19 -20.99 28.23
CA MET B 61 12.72 -20.97 26.82
C MET B 61 13.26 -22.20 26.06
N ILE B 62 14.54 -22.56 26.22
CA ILE B 62 15.14 -23.77 25.55
C ILE B 62 14.30 -25.00 25.92
N LYS B 63 14.08 -25.20 27.22
CA LYS B 63 13.30 -26.33 27.78
C LYS B 63 11.84 -26.21 27.32
N TRP B 64 11.28 -25.00 27.24
CA TRP B 64 9.93 -24.83 26.69
C TRP B 64 9.89 -25.31 25.23
N ARG B 65 10.90 -24.95 24.42
CA ARG B 65 10.91 -25.30 22.97
C ARG B 65 11.05 -26.82 22.79
N LYS B 66 11.85 -27.47 23.65
CA LYS B 66 11.98 -28.95 23.68
C LYS B 66 10.65 -29.57 24.14
N ASP B 67 10.05 -29.11 25.24
CA ASP B 67 8.81 -29.72 25.83
C ASP B 67 7.59 -29.50 24.93
N PHE B 68 7.46 -28.33 24.31
CA PHE B 68 6.27 -27.99 23.49
C PHE B 68 6.34 -28.66 22.12
N GLY B 69 7.56 -28.95 21.64
CA GLY B 69 7.84 -29.45 20.28
C GLY B 69 7.95 -28.32 19.26
N THR B 70 8.37 -27.12 19.70
CA THR B 70 8.30 -25.89 18.87
C THR B 70 9.22 -25.99 17.65
N ASP B 71 10.40 -26.62 17.80
CA ASP B 71 11.44 -26.74 16.75
C ASP B 71 10.94 -27.58 15.56
N THR B 72 9.88 -28.39 15.69
CA THR B 72 9.34 -29.22 14.58
C THR B 72 7.82 -29.03 14.40
N ILE B 73 7.25 -27.93 14.88
CA ILE B 73 5.78 -27.66 14.77
C ILE B 73 5.34 -27.48 13.30
N PHE B 74 6.22 -27.05 12.40
CA PHE B 74 5.86 -26.91 10.96
C PHE B 74 5.52 -28.29 10.40
N GLU B 75 6.42 -29.26 10.61
CA GLU B 75 6.31 -30.70 10.22
C GLU B 75 5.12 -31.37 10.94
N ASP B 76 5.04 -31.19 12.27
CA ASP B 76 4.29 -32.07 13.19
C ASP B 76 2.83 -31.68 13.30
N PHE B 77 2.45 -30.44 12.99
CA PHE B 77 1.12 -29.91 13.33
C PHE B 77 0.34 -29.46 12.09
N GLU B 78 -0.83 -30.07 11.88
CA GLU B 78 -1.78 -29.70 10.82
C GLU B 78 -3.04 -29.16 11.51
N PHE B 79 -3.27 -27.87 11.32
CA PHE B 79 -4.45 -27.14 11.80
C PHE B 79 -5.45 -27.11 10.65
N GLU B 80 -6.08 -28.24 10.38
CA GLU B 80 -7.03 -28.37 9.23
C GLU B 80 -8.33 -27.62 9.51
N GLU B 81 -8.66 -27.26 10.76
CA GLU B 81 -9.92 -26.51 11.06
C GLU B 81 -9.71 -25.00 10.88
N PHE B 82 -8.55 -24.58 10.39
CA PHE B 82 -8.15 -23.16 10.17
C PHE B 82 -9.30 -22.31 9.63
N ASP B 83 -9.95 -22.73 8.54
CA ASP B 83 -10.98 -21.93 7.82
C ASP B 83 -12.18 -21.65 8.72
N GLU B 84 -12.60 -22.66 9.48
CA GLU B 84 -13.73 -22.53 10.43
C GLU B 84 -13.33 -21.59 11.58
N VAL B 85 -12.10 -21.66 12.06
CA VAL B 85 -11.62 -20.84 13.21
C VAL B 85 -11.62 -19.36 12.76
N LEU B 86 -11.12 -19.09 11.55
CA LEU B 86 -11.00 -17.71 11.03
C LEU B 86 -12.40 -17.09 10.92
N LYS B 87 -13.41 -17.90 10.67
CA LYS B 87 -14.81 -17.44 10.47
C LYS B 87 -15.37 -16.96 11.80
N TYR B 88 -14.95 -17.56 12.91
CA TYR B 88 -15.48 -17.24 14.26
C TYR B 88 -14.41 -16.50 15.08
N TYR B 89 -13.21 -16.28 14.54
CA TYR B 89 -12.13 -15.46 15.15
C TYR B 89 -11.36 -14.81 14.02
N PRO B 90 -11.86 -13.71 13.41
CA PRO B 90 -11.14 -13.06 12.33
C PRO B 90 -9.88 -12.39 12.88
N HIS B 91 -8.72 -12.83 12.39
CA HIS B 91 -7.40 -12.31 12.81
C HIS B 91 -6.37 -12.58 11.71
N GLY B 92 -5.35 -11.74 11.63
CA GLY B 92 -4.32 -11.87 10.59
C GLY B 92 -3.37 -10.69 10.53
N TYR B 93 -2.20 -10.92 9.95
CA TYR B 93 -1.27 -9.88 9.50
C TYR B 93 -1.85 -9.25 8.25
N HIS B 94 -1.62 -7.96 8.10
CA HIS B 94 -2.09 -7.22 6.91
C HIS B 94 -1.21 -6.00 6.71
N GLY B 95 -0.18 -6.18 5.88
CA GLY B 95 0.68 -5.07 5.48
C GLY B 95 1.58 -4.58 6.59
N VAL B 96 2.09 -3.36 6.42
CA VAL B 96 3.12 -2.79 7.32
C VAL B 96 2.71 -1.38 7.73
N ASP B 97 3.27 -0.90 8.83
CA ASP B 97 3.10 0.50 9.28
C ASP B 97 4.13 1.36 8.55
N LYS B 98 4.15 2.66 8.82
CA LYS B 98 5.00 3.61 8.10
C LYS B 98 6.47 3.43 8.46
N GLU B 99 6.79 2.71 9.54
CA GLU B 99 8.21 2.38 9.90
C GLU B 99 8.57 0.97 9.41
N GLY B 100 7.68 0.26 8.70
CA GLY B 100 7.99 -1.04 8.08
C GLY B 100 7.64 -2.24 8.94
N ARG B 101 7.13 -2.03 10.14
CA ARG B 101 6.74 -3.15 11.05
C ARG B 101 5.43 -3.76 10.54
N PRO B 102 5.26 -5.09 10.63
CA PRO B 102 4.00 -5.72 10.25
C PRO B 102 2.83 -5.28 11.16
N VAL B 103 1.64 -5.17 10.57
CA VAL B 103 0.40 -4.83 11.32
C VAL B 103 -0.38 -6.13 11.54
N TYR B 104 -0.64 -6.45 12.81
CA TYR B 104 -1.45 -7.62 13.21
C TYR B 104 -2.79 -7.09 13.72
N ILE B 105 -3.87 -7.64 13.17
CA ILE B 105 -5.26 -7.20 13.46
C ILE B 105 -6.03 -8.37 14.08
N GLU B 106 -6.85 -8.08 15.10
CA GLU B 106 -7.84 -9.06 15.63
C GLU B 106 -9.19 -8.37 15.72
N ARG B 107 -10.22 -9.00 15.17
CA ARG B 107 -11.61 -8.47 15.26
C ARG B 107 -12.29 -9.25 16.38
N LEU B 108 -12.01 -8.84 17.62
CA LEU B 108 -12.46 -9.57 18.84
C LEU B 108 -13.97 -9.36 19.03
N GLY B 109 -14.51 -8.28 18.49
CA GLY B 109 -15.96 -8.02 18.39
C GLY B 109 -16.69 -9.07 17.56
N LEU B 110 -16.01 -9.80 16.68
CA LEU B 110 -16.63 -10.80 15.76
C LEU B 110 -16.30 -12.23 16.20
N VAL B 111 -15.59 -12.39 17.31
CA VAL B 111 -15.29 -13.72 17.94
C VAL B 111 -16.59 -14.33 18.47
N ASP B 112 -16.92 -15.55 18.07
CA ASP B 112 -18.09 -16.32 18.57
C ASP B 112 -17.52 -17.48 19.37
N PRO B 113 -17.45 -17.41 20.71
CA PRO B 113 -16.83 -18.49 21.48
C PRO B 113 -17.59 -19.82 21.37
N ALA B 114 -18.92 -19.76 21.28
CA ALA B 114 -19.84 -20.91 21.15
C ALA B 114 -19.49 -21.72 19.90
N LYS B 115 -19.45 -21.06 18.74
CA LYS B 115 -19.09 -21.68 17.44
C LYS B 115 -17.61 -22.04 17.45
N LEU B 116 -16.74 -21.21 18.06
CA LEU B 116 -15.27 -21.41 18.01
C LEU B 116 -14.91 -22.71 18.71
N MET B 117 -15.53 -23.00 19.84
CA MET B 117 -15.21 -24.21 20.63
C MET B 117 -15.94 -25.44 20.08
N GLN B 118 -16.77 -25.29 19.04
CA GLN B 118 -17.30 -26.43 18.25
C GLN B 118 -16.32 -26.85 17.14
N VAL B 119 -15.37 -26.00 16.72
CA VAL B 119 -14.56 -26.26 15.50
C VAL B 119 -13.09 -26.50 15.87
N THR B 120 -12.68 -26.11 17.07
CA THR B 120 -11.30 -26.35 17.54
C THR B 120 -11.34 -26.58 19.04
N THR B 121 -10.20 -26.85 19.66
CA THR B 121 -10.03 -26.91 21.12
C THR B 121 -9.01 -25.86 21.55
N VAL B 122 -8.93 -25.64 22.85
CA VAL B 122 -7.99 -24.65 23.44
C VAL B 122 -6.56 -25.09 23.14
N GLU B 123 -6.22 -26.37 23.33
CA GLU B 123 -4.83 -26.86 23.15
C GLU B 123 -4.40 -26.69 21.69
N ARG B 124 -5.30 -26.95 20.74
CA ARG B 124 -5.00 -26.90 19.28
C ARG B 124 -4.86 -25.42 18.88
N PHE B 125 -5.70 -24.55 19.43
CA PHE B 125 -5.66 -23.08 19.19
C PHE B 125 -4.28 -22.58 19.62
N ILE B 126 -3.83 -23.03 20.78
CA ILE B 126 -2.56 -22.52 21.36
C ILE B 126 -1.41 -23.03 20.50
N ARG B 127 -1.47 -24.28 20.03
CA ARG B 127 -0.40 -24.87 19.20
C ARG B 127 -0.37 -24.08 17.88
N TYR B 128 -1.52 -23.78 17.30
CA TYR B 128 -1.66 -22.95 16.09
C TYR B 128 -1.00 -21.58 16.33
N HIS B 129 -1.25 -20.97 17.49
CA HIS B 129 -0.67 -19.65 17.88
C HIS B 129 0.85 -19.73 17.86
N VAL B 130 1.44 -20.78 18.40
CA VAL B 130 2.92 -20.92 18.46
C VAL B 130 3.48 -21.12 17.04
N ARG B 131 2.79 -21.92 16.23
CA ARG B 131 3.23 -22.22 14.83
C ARG B 131 3.23 -20.90 14.03
N GLU B 132 2.22 -20.06 14.21
CA GLU B 132 2.15 -18.72 13.57
C GLU B 132 3.26 -17.80 14.12
N PHE B 133 3.55 -17.85 15.42
CA PHE B 133 4.66 -17.03 15.97
C PHE B 133 5.99 -17.48 15.35
N GLU B 134 6.19 -18.77 15.14
CA GLU B 134 7.41 -19.30 14.48
C GLU B 134 7.49 -18.72 13.07
N LYS B 135 6.37 -18.67 12.35
CA LYS B 135 6.33 -18.06 11.00
C LYS B 135 6.64 -16.58 11.11
N THR B 136 6.09 -15.90 12.11
CA THR B 136 6.30 -14.44 12.32
C THR B 136 7.78 -14.19 12.57
N VAL B 137 8.41 -14.89 13.51
CA VAL B 137 9.79 -14.45 13.87
C VAL B 137 10.78 -14.93 12.80
N ASN B 138 10.47 -15.99 12.05
CA ASN B 138 11.45 -16.62 11.14
C ASN B 138 11.21 -16.16 9.71
N ILE B 139 9.99 -15.81 9.32
CA ILE B 139 9.67 -15.44 7.93
C ILE B 139 9.22 -13.97 7.84
N LYS B 140 8.15 -13.61 8.55
CA LYS B 140 7.42 -12.34 8.31
C LYS B 140 8.27 -11.15 8.78
N LEU B 141 8.84 -11.21 9.98
CA LEU B 141 9.64 -10.07 10.48
C LEU B 141 10.90 -9.89 9.63
N PRO B 142 11.68 -10.95 9.29
CA PRO B 142 12.84 -10.79 8.40
C PRO B 142 12.51 -10.24 7.01
N ALA B 143 11.37 -10.65 6.45
CA ALA B 143 10.88 -10.10 5.18
C ALA B 143 10.72 -8.59 5.33
N CYS B 144 10.17 -8.13 6.44
CA CYS B 144 9.92 -6.68 6.70
C CYS B 144 11.25 -5.93 6.74
N CYS B 145 12.30 -6.62 7.19
CA CYS B 145 13.69 -6.12 7.29
C CYS B 145 14.18 -5.72 5.89
N ILE B 146 13.95 -6.62 4.93
CA ILE B 146 14.45 -6.48 3.53
C ILE B 146 13.63 -5.37 2.87
N ALA B 147 12.29 -5.39 3.00
CA ALA B 147 11.37 -4.42 2.39
C ALA B 147 11.68 -2.98 2.85
N ALA B 148 12.05 -2.81 4.12
CA ALA B 148 12.21 -1.48 4.75
C ALA B 148 13.70 -1.08 4.78
N LYS B 149 14.62 -2.01 4.47
CA LYS B 149 16.09 -1.82 4.60
C LYS B 149 16.38 -1.29 6.02
N ARG B 150 15.79 -1.94 7.01
CA ARG B 150 15.80 -1.49 8.43
C ARG B 150 15.50 -2.70 9.29
N HIS B 151 16.18 -2.86 10.42
CA HIS B 151 15.96 -4.03 11.30
C HIS B 151 14.58 -3.92 11.93
N ILE B 152 13.77 -4.96 11.79
CA ILE B 152 12.38 -5.04 12.30
C ILE B 152 12.23 -6.35 13.08
N ASP B 153 11.75 -6.34 14.33
CA ASP B 153 11.52 -7.64 15.01
C ASP B 153 10.38 -7.49 16.00
N SER B 154 9.50 -6.55 15.70
CA SER B 154 8.32 -6.22 16.51
C SER B 154 7.18 -5.84 15.56
N SER B 155 5.95 -6.02 16.01
CA SER B 155 4.72 -5.70 15.26
C SER B 155 3.97 -4.51 15.86
N THR B 156 3.06 -3.94 15.08
CA THR B 156 2.03 -2.99 15.54
C THR B 156 0.75 -3.79 15.52
N THR B 157 0.00 -3.80 16.62
CA THR B 157 -1.21 -4.63 16.73
C THR B 157 -2.43 -3.73 16.84
N ILE B 158 -3.49 -4.11 16.15
CA ILE B 158 -4.79 -3.45 16.33
C ILE B 158 -5.74 -4.51 16.85
N LEU B 159 -6.39 -4.23 17.97
CA LEU B 159 -7.48 -5.07 18.50
C LEU B 159 -8.77 -4.27 18.41
N ASP B 160 -9.69 -4.75 17.58
CA ASP B 160 -11.05 -4.22 17.38
C ASP B 160 -11.98 -4.92 18.37
N VAL B 161 -12.44 -4.21 19.39
CA VAL B 161 -13.27 -4.77 20.50
C VAL B 161 -14.67 -4.18 20.44
N GLN B 162 -15.14 -3.80 19.25
CA GLN B 162 -16.52 -3.37 18.97
C GLN B 162 -17.53 -4.29 19.69
N GLY B 163 -18.38 -3.74 20.56
CA GLY B 163 -19.45 -4.54 21.18
C GLY B 163 -18.96 -5.49 22.28
N VAL B 164 -17.66 -5.56 22.56
CA VAL B 164 -17.13 -6.43 23.64
C VAL B 164 -17.42 -5.76 24.99
N GLY B 165 -18.10 -6.46 25.88
CA GLY B 165 -18.49 -5.90 27.18
C GLY B 165 -18.10 -6.83 28.33
N PHE B 166 -18.06 -6.28 29.54
CA PHE B 166 -17.61 -6.99 30.76
C PHE B 166 -18.63 -8.05 31.17
N LYS B 167 -19.92 -7.80 30.92
CA LYS B 167 -21.03 -8.70 31.32
C LYS B 167 -20.82 -10.10 30.73
N ASN B 168 -20.24 -10.21 29.53
CA ASN B 168 -20.08 -11.52 28.82
C ASN B 168 -18.60 -11.96 28.80
N PHE B 169 -17.70 -11.26 29.47
CA PHE B 169 -16.24 -11.59 29.48
C PHE B 169 -15.99 -12.65 30.55
N SER B 170 -15.82 -13.89 30.12
CA SER B 170 -15.81 -15.08 31.01
C SER B 170 -14.40 -15.33 31.59
N LYS B 171 -14.34 -16.14 32.63
CA LYS B 171 -13.07 -16.59 33.21
C LYS B 171 -12.28 -17.35 32.15
N PRO B 172 -12.87 -18.30 31.39
CA PRO B 172 -12.11 -18.98 30.32
C PRO B 172 -11.46 -18.03 29.30
N ALA B 173 -12.18 -17.02 28.83
CA ALA B 173 -11.66 -15.98 27.90
C ALA B 173 -10.48 -15.28 28.55
N ARG B 174 -10.68 -14.82 29.77
CA ARG B 174 -9.62 -14.15 30.54
C ARG B 174 -8.40 -15.08 30.63
N ASP B 175 -8.62 -16.34 31.00
CA ASP B 175 -7.50 -17.29 31.23
C ASP B 175 -6.77 -17.56 29.92
N LEU B 176 -7.47 -17.66 28.81
CA LEU B 176 -6.83 -17.94 27.50
C LEU B 176 -5.89 -16.77 27.12
N ILE B 177 -6.36 -15.54 27.28
CA ILE B 177 -5.50 -14.33 27.08
C ILE B 177 -4.21 -14.43 27.90
N ILE B 178 -4.30 -14.79 29.17
CA ILE B 178 -3.17 -14.79 30.14
C ILE B 178 -2.16 -15.88 29.77
N GLN B 179 -2.67 -17.05 29.41
CA GLN B 179 -1.84 -18.22 29.02
C GLN B 179 -1.11 -17.92 27.70
N LEU B 180 -1.79 -17.31 26.74
CA LEU B 180 -1.14 -16.84 25.48
C LEU B 180 -0.08 -15.79 25.84
N GLN B 181 -0.42 -14.82 26.69
CA GLN B 181 0.53 -13.77 27.12
C GLN B 181 1.76 -14.39 27.79
N LYS B 182 1.55 -15.48 28.54
CA LYS B 182 2.66 -16.08 29.30
C LYS B 182 3.57 -16.79 28.29
N ILE B 183 3.01 -17.55 27.34
CA ILE B 183 3.82 -18.19 26.27
C ILE B 183 4.60 -17.09 25.55
N ASP B 184 3.90 -16.00 25.20
CA ASP B 184 4.52 -14.94 24.36
C ASP B 184 5.64 -14.26 25.16
N ASN B 185 5.39 -13.93 26.44
CA ASN B 185 6.38 -13.18 27.26
C ASN B 185 7.59 -14.05 27.56
N ASP B 186 7.38 -15.34 27.82
CA ASP B 186 8.45 -16.31 28.20
C ASP B 186 9.37 -16.62 27.02
N ASN B 187 8.82 -16.77 25.80
CA ASN B 187 9.48 -17.42 24.64
C ASN B 187 9.57 -16.51 23.40
N TYR B 188 8.78 -15.42 23.34
CA TYR B 188 8.80 -14.47 22.20
C TYR B 188 8.82 -13.06 22.71
N PRO B 189 9.74 -12.68 23.65
CA PRO B 189 9.66 -11.36 24.28
C PRO B 189 10.03 -10.23 23.31
N GLU B 190 9.51 -9.03 23.59
CA GLU B 190 9.90 -7.78 22.89
C GLU B 190 9.56 -7.91 21.39
N THR B 191 8.45 -8.58 21.05
CA THR B 191 7.94 -8.74 19.67
C THR B 191 6.70 -7.89 19.45
N LEU B 192 6.18 -7.25 20.52
CA LEU B 192 5.13 -6.21 20.38
C LEU B 192 5.77 -4.82 20.40
N HIS B 193 5.56 -4.02 19.35
CA HIS B 193 6.05 -2.62 19.37
C HIS B 193 5.00 -1.74 20.04
N ARG B 194 3.76 -1.86 19.60
CA ARG B 194 2.67 -1.01 20.11
C ARG B 194 1.35 -1.69 19.79
N MET B 195 0.32 -1.36 20.55
CA MET B 195 -1.02 -1.91 20.34
C MET B 195 -2.01 -0.77 20.42
N PHE B 196 -2.98 -0.81 19.52
CA PHE B 196 -4.14 0.11 19.47
C PHE B 196 -5.36 -0.75 19.69
N ILE B 197 -6.05 -0.46 20.79
CA ILE B 197 -7.36 -1.09 21.08
C ILE B 197 -8.41 -0.09 20.66
N ILE B 198 -9.27 -0.47 19.71
CA ILE B 198 -10.26 0.45 19.11
C ILE B 198 -11.65 -0.09 19.40
N ASN B 199 -12.63 0.82 19.39
CA ASN B 199 -14.07 0.54 19.51
C ASN B 199 -14.36 -0.04 20.90
N GLY B 200 -13.58 0.33 21.91
CA GLY B 200 -13.96 0.04 23.30
C GLY B 200 -15.09 0.96 23.75
N GLY B 201 -16.27 0.40 23.97
CA GLY B 201 -17.39 1.12 24.58
C GLY B 201 -17.24 1.21 26.09
N SER B 202 -18.32 1.62 26.78
CA SER B 202 -18.42 1.74 28.26
C SER B 202 -18.30 0.35 28.90
N GLY B 203 -18.78 -0.67 28.19
CA GLY B 203 -18.75 -2.07 28.64
C GLY B 203 -17.33 -2.61 28.70
N PHE B 204 -16.41 -2.03 27.94
CA PHE B 204 -15.02 -2.52 27.77
C PHE B 204 -14.15 -2.03 28.94
N LYS B 205 -14.54 -0.98 29.67
CA LYS B 205 -13.62 -0.40 30.67
C LYS B 205 -13.24 -1.45 31.72
N LEU B 206 -14.19 -2.28 32.17
CA LEU B 206 -13.92 -3.29 33.23
C LEU B 206 -13.17 -4.49 32.63
N VAL B 207 -13.34 -4.74 31.33
CA VAL B 207 -12.57 -5.79 30.59
C VAL B 207 -11.10 -5.40 30.68
N TRP B 208 -10.80 -4.17 30.30
CA TRP B 208 -9.42 -3.63 30.25
C TRP B 208 -8.86 -3.58 31.68
N ALA B 209 -9.68 -3.16 32.64
CA ALA B 209 -9.31 -3.08 34.07
C ALA B 209 -8.87 -4.46 34.54
N THR B 210 -9.69 -5.48 34.31
CA THR B 210 -9.43 -6.84 34.83
C THR B 210 -8.24 -7.47 34.11
N VAL B 211 -8.06 -7.22 32.81
CA VAL B 211 -6.93 -7.84 32.05
C VAL B 211 -5.63 -7.18 32.48
N LYS B 212 -5.62 -5.85 32.66
CA LYS B 212 -4.44 -5.08 33.11
C LYS B 212 -3.90 -5.71 34.40
N GLN B 213 -4.73 -6.24 35.29
CA GLN B 213 -4.25 -6.78 36.59
C GLN B 213 -3.23 -7.89 36.36
N PHE B 214 -3.30 -8.58 35.20
CA PHE B 214 -2.45 -9.77 34.89
C PHE B 214 -1.36 -9.47 33.85
N LEU B 215 -1.37 -8.34 33.17
CA LEU B 215 -0.45 -8.07 32.04
C LEU B 215 0.90 -7.59 32.56
N ASP B 216 1.96 -7.93 31.82
CA ASP B 216 3.32 -7.44 32.12
C ASP B 216 3.22 -5.91 32.05
N PRO B 217 3.74 -5.13 33.03
CA PRO B 217 3.62 -3.67 32.98
C PRO B 217 4.26 -3.01 31.76
N LYS B 218 5.34 -3.58 31.23
CA LYS B 218 6.02 -3.09 30.01
C LYS B 218 5.04 -3.18 28.83
N THR B 219 4.26 -4.27 28.77
CA THR B 219 3.24 -4.46 27.72
C THR B 219 2.16 -3.38 27.88
N VAL B 220 1.70 -3.12 29.10
CA VAL B 220 0.57 -2.17 29.30
C VAL B 220 0.95 -0.79 28.71
N THR B 221 2.20 -0.37 28.91
CA THR B 221 2.72 0.95 28.47
C THR B 221 2.63 1.05 26.94
N LYS B 222 2.76 -0.07 26.23
CA LYS B 222 2.78 -0.16 24.74
C LYS B 222 1.36 -0.21 24.20
N ILE B 223 0.34 -0.33 25.05
CA ILE B 223 -1.07 -0.48 24.62
C ILE B 223 -1.74 0.89 24.76
N HIS B 224 -2.45 1.33 23.72
CA HIS B 224 -3.27 2.59 23.74
C HIS B 224 -4.72 2.22 23.42
N VAL B 225 -5.66 2.61 24.28
CA VAL B 225 -7.13 2.34 24.11
C VAL B 225 -7.81 3.64 23.68
N ILE B 226 -8.24 3.75 22.40
CA ILE B 226 -8.44 5.07 21.76
C ILE B 226 -9.88 5.32 21.32
N GLY B 227 -10.79 4.33 21.46
CA GLY B 227 -12.25 4.53 21.22
C GLY B 227 -12.64 4.39 19.74
N ASN B 228 -13.84 4.88 19.38
CA ASN B 228 -14.51 4.57 18.09
C ASN B 228 -14.15 5.60 16.99
N LYS B 229 -13.45 6.69 17.30
CA LYS B 229 -13.08 7.72 16.28
C LYS B 229 -11.59 7.54 15.96
N TYR B 230 -11.17 6.29 15.72
CA TYR B 230 -9.76 5.79 15.63
C TYR B 230 -9.13 6.01 14.24
N GLN B 231 -9.91 6.35 13.21
CA GLN B 231 -9.47 6.24 11.79
C GLN B 231 -8.27 7.14 11.49
N ASN B 232 -8.27 8.38 11.97
CA ASN B 232 -7.19 9.34 11.60
C ASN B 232 -5.89 8.97 12.30
N LYS B 233 -5.96 8.46 13.53
CA LYS B 233 -4.75 8.09 14.28
C LYS B 233 -4.09 6.92 13.56
N LEU B 234 -4.89 5.96 13.08
CA LEU B 234 -4.33 4.79 12.35
C LEU B 234 -3.70 5.25 11.04
N LEU B 235 -4.34 6.17 10.29
CA LEU B 235 -3.81 6.66 9.00
C LEU B 235 -2.51 7.46 9.24
N GLU B 236 -2.32 8.08 10.41
CA GLU B 236 -1.04 8.75 10.74
C GLU B 236 0.10 7.74 10.75
N ILE B 237 -0.11 6.54 11.28
CA ILE B 237 0.98 5.57 11.58
C ILE B 237 1.04 4.49 10.50
N ILE B 238 -0.07 4.25 9.79
CA ILE B 238 -0.19 3.21 8.71
C ILE B 238 -0.73 3.86 7.42
N ASP B 239 -0.05 3.64 6.31
CA ASP B 239 -0.51 4.17 5.00
C ASP B 239 -1.87 3.58 4.66
N ALA B 240 -2.75 4.37 4.05
CA ALA B 240 -4.13 3.97 3.69
C ALA B 240 -4.08 2.68 2.86
N SER B 241 -3.02 2.48 2.08
CA SER B 241 -2.88 1.32 1.17
C SER B 241 -2.73 0.04 2.01
N GLN B 242 -2.18 0.14 3.22
CA GLN B 242 -1.86 -1.01 4.09
C GLN B 242 -2.99 -1.24 5.09
N LEU B 243 -4.01 -0.39 5.08
CA LEU B 243 -5.10 -0.40 6.09
C LEU B 243 -6.40 -0.85 5.43
N PRO B 244 -7.07 -1.90 5.99
CA PRO B 244 -8.36 -2.34 5.44
C PRO B 244 -9.36 -1.17 5.45
N ASP B 245 -10.24 -1.11 4.45
CA ASP B 245 -11.28 -0.07 4.31
C ASP B 245 -12.17 -0.04 5.57
N PHE B 246 -12.46 -1.18 6.21
CA PHE B 246 -13.34 -1.22 7.41
C PHE B 246 -12.63 -0.56 8.60
N LEU B 247 -11.30 -0.40 8.56
CA LEU B 247 -10.54 0.40 9.55
C LEU B 247 -10.25 1.82 9.07
N GLY B 248 -10.81 2.26 7.92
CA GLY B 248 -10.61 3.62 7.41
C GLY B 248 -9.54 3.75 6.33
N GLY B 249 -9.01 2.63 5.81
CA GLY B 249 -7.99 2.65 4.73
C GLY B 249 -8.61 2.47 3.36
N THR B 250 -7.83 2.08 2.36
CA THR B 250 -8.33 1.85 0.97
C THR B 250 -8.25 0.37 0.59
N CYS B 251 -7.63 -0.52 1.39
CA CYS B 251 -7.41 -1.93 0.98
C CYS B 251 -8.69 -2.77 1.07
N THR B 252 -8.95 -3.66 0.09
CA THR B 252 -10.07 -4.61 0.11
C THR B 252 -9.57 -6.07 0.00
N CYS B 253 -8.34 -6.27 -0.46
CA CYS B 253 -7.78 -7.61 -0.76
C CYS B 253 -8.86 -8.43 -1.51
N ALA B 254 -9.47 -7.82 -2.52
CA ALA B 254 -10.65 -8.35 -3.25
C ALA B 254 -10.36 -9.75 -3.80
N ASP B 255 -9.17 -9.98 -4.35
CA ASP B 255 -8.85 -11.23 -5.11
C ASP B 255 -8.24 -12.29 -4.19
N ARG B 256 -8.10 -12.02 -2.88
CA ARG B 256 -7.41 -12.93 -1.93
C ARG B 256 -8.24 -13.17 -0.67
N GLY B 257 -9.56 -13.16 -0.80
CA GLY B 257 -10.50 -13.54 0.27
C GLY B 257 -10.72 -12.45 1.31
N GLY B 258 -10.35 -11.21 1.01
CA GLY B 258 -10.54 -10.04 1.89
C GLY B 258 -9.38 -9.87 2.87
N CYS B 259 -9.28 -8.70 3.52
CA CYS B 259 -8.08 -8.23 4.25
C CYS B 259 -7.81 -9.14 5.46
N MET B 260 -8.83 -9.75 6.05
CA MET B 260 -8.63 -10.62 7.26
C MET B 260 -8.22 -12.02 6.85
N ARG B 261 -8.15 -12.35 5.55
CA ARG B 261 -7.66 -13.68 5.07
C ARG B 261 -6.47 -13.61 4.11
N SER B 262 -5.97 -12.45 3.70
CA SER B 262 -4.94 -12.31 2.62
C SER B 262 -3.53 -12.63 3.16
N ASP B 263 -3.27 -12.38 4.44
CA ASP B 263 -1.89 -12.41 4.99
C ASP B 263 -1.01 -11.47 4.19
N LYS B 264 -1.51 -10.33 3.73
CA LYS B 264 -0.75 -9.38 2.86
C LYS B 264 0.48 -8.88 3.62
N GLY B 265 1.57 -8.73 2.88
CA GLY B 265 2.87 -8.31 3.44
C GLY B 265 4.01 -8.77 2.54
N PRO B 266 5.22 -8.21 2.73
CA PRO B 266 6.34 -8.49 1.84
C PRO B 266 6.86 -9.95 1.86
N TRP B 267 6.49 -10.73 2.88
CA TRP B 267 6.86 -12.15 3.00
C TRP B 267 6.15 -12.98 1.91
N ASN B 268 5.26 -12.40 1.12
CA ASN B 268 4.59 -13.08 -0.01
C ASN B 268 5.36 -12.85 -1.30
N ASP B 269 6.31 -11.93 -1.31
CA ASP B 269 7.02 -11.58 -2.57
C ASP B 269 8.12 -12.60 -2.79
N PRO B 270 8.20 -13.27 -3.97
CA PRO B 270 9.24 -14.26 -4.21
C PRO B 270 10.66 -13.68 -4.18
N GLU B 271 10.83 -12.43 -4.62
CA GLU B 271 12.16 -11.77 -4.62
C GLU B 271 12.60 -11.53 -3.17
N ILE B 272 11.68 -11.14 -2.29
CA ILE B 272 11.99 -10.87 -0.87
C ILE B 272 12.29 -12.21 -0.22
N LEU B 273 11.48 -13.23 -0.47
CA LEU B 273 11.69 -14.61 0.02
C LEU B 273 13.01 -15.18 -0.52
N LYS B 274 13.41 -14.89 -1.77
CA LYS B 274 14.71 -15.39 -2.31
C LYS B 274 15.84 -14.67 -1.57
N MET B 275 15.80 -13.33 -1.55
CA MET B 275 16.81 -12.45 -0.88
C MET B 275 16.88 -12.82 0.61
N LEU B 276 15.85 -13.44 1.16
CA LEU B 276 15.95 -14.00 2.54
C LEU B 276 16.85 -15.23 2.50
N GLN B 277 16.55 -16.17 1.63
CA GLN B 277 17.27 -17.47 1.51
C GLN B 277 18.73 -17.29 1.08
N SER B 278 19.01 -16.42 0.10
CA SER B 278 20.34 -16.28 -0.52
C SER B 278 20.84 -14.83 -0.41
#